data_2Y24
#
_entry.id   2Y24
#
_cell.length_a   59.578
_cell.length_b   59.578
_cell.length_c   168.296
_cell.angle_alpha   90.00
_cell.angle_beta   90.00
_cell.angle_gamma   120.00
#
_symmetry.space_group_name_H-M   'P 32 2 1'
#
loop_
_entity.id
_entity.type
_entity.pdbx_description
1 polymer XYLANASE
2 branched '4-O-methyl-alpha-D-glucopyranuronic acid-(1-2)-[beta-D-xylopyranose-(1-4)]beta-D-xylopyranose-(1-4)-beta-D-xylopyranose'
3 non-polymer 'TETRAETHYLENE GLYCOL'
4 non-polymer 'TRIETHYLENE GLYCOL'
5 non-polymer IMIDAZOLE
6 water water
#
_entity_poly.entity_id   1
_entity_poly.type   'polypeptide(L)'
_entity_poly.pdbx_seq_one_letter_code
;DTVKIDANVNYQIIQGFGGMSGVGWINDLTTEQINTAYGSGVGQIGLSIMRVRIDPDSSKWNIQLPSARQAVSLGAKIMA
TPWSPPAYMKSNNSLINGGRLLPANYSAYTSHLLDFSKYMQTNGAPLYAISIQNEPDWKPDYESCEWSGDEFKSYLKSQG
SKFGSLKVIVAESLGFNPALTDPVLKDSDASKYVSIIGGHLYGTTPKPYPLAQNAGKQLWMTEHYVDSKQSANNWTSAIE
VGTELNASMVSNYSAYVWWYIRRSYGLLTEDGKVSKRGYVMSQYARFVRPGALRIQATENPQSNVHLTAYKNTDGKMVIV
AVNTNDSDQMLSLNISNANVTKFEKYSTSASLNVEYGGSSQVDSSGKATVWLNPLSVTTFVSK
;
_entity_poly.pdbx_strand_id   A
#
loop_
_chem_comp.id
_chem_comp.type
_chem_comp.name
_chem_comp.formula
GCV D-saccharide, alpha linking '4-O-methyl-alpha-D-glucopyranuronic acid' 'C7 H12 O7'
IMD non-polymer IMIDAZOLE 'C3 H5 N2 1'
PG4 non-polymer 'TETRAETHYLENE GLYCOL' 'C8 H18 O5'
PGE non-polymer 'TRIETHYLENE GLYCOL' 'C6 H14 O4'
XYP D-saccharide, beta linking beta-D-xylopyranose 'C5 H10 O5'
#
# COMPACT_ATOMS: atom_id res chain seq x y z
N ASP A 1 14.61 19.93 -16.55
CA ASP A 1 15.55 20.57 -15.57
C ASP A 1 16.32 19.49 -14.81
N THR A 2 17.21 19.94 -13.90
CA THR A 2 18.13 19.05 -13.19
C THR A 2 17.48 18.18 -12.13
N VAL A 3 17.81 16.90 -12.15
CA VAL A 3 17.43 15.95 -11.09
C VAL A 3 18.68 15.37 -10.46
N LYS A 4 18.93 15.80 -9.20
CA LYS A 4 20.06 15.23 -8.41
C LYS A 4 19.60 14.06 -7.57
N ILE A 5 20.37 12.96 -7.65
CA ILE A 5 20.02 11.71 -6.94
C ILE A 5 21.29 11.31 -6.15
N ASP A 6 21.12 10.99 -4.88
CA ASP A 6 22.21 10.45 -4.05
C ASP A 6 21.83 9.11 -3.45
N ALA A 7 22.37 8.03 -3.98
CA ALA A 7 22.05 6.68 -3.63
C ALA A 7 22.48 6.29 -2.22
N ASN A 8 23.31 7.15 -1.63
CA ASN A 8 23.78 6.96 -0.26
C ASN A 8 22.94 7.61 0.85
N VAL A 9 21.85 8.28 0.50
CA VAL A 9 20.90 8.87 1.44
C VAL A 9 19.58 8.12 1.23
N ASN A 10 19.16 7.42 2.28
CA ASN A 10 18.02 6.43 2.24
C ASN A 10 16.89 6.93 3.13
N TYR A 11 15.67 6.56 2.78
CA TYR A 11 14.44 6.90 3.57
C TYR A 11 13.86 5.57 4.01
N GLN A 12 12.59 5.32 3.70
CA GLN A 12 11.85 4.14 4.18
C GLN A 12 12.19 2.88 3.32
N ILE A 13 12.00 1.73 3.94
CA ILE A 13 11.85 0.44 3.27
C ILE A 13 10.44 0.36 2.60
N ILE A 14 10.41 -0.14 1.34
CA ILE A 14 9.14 -0.41 0.67
C ILE A 14 8.83 -1.89 0.85
N GLN A 15 7.75 -2.15 1.59
CA GLN A 15 7.19 -3.49 1.70
C GLN A 15 6.48 -3.90 0.43
N GLY A 16 5.70 -3.02 -0.17
CA GLY A 16 5.01 -3.34 -1.35
C GLY A 16 3.70 -2.61 -1.58
N PHE A 17 3.00 -3.07 -2.60
CA PHE A 17 1.80 -2.48 -3.10
C PHE A 17 0.72 -3.56 -3.06
N GLY A 18 -0.49 -3.17 -2.73
CA GLY A 18 -1.57 -4.15 -2.52
C GLY A 18 -2.96 -3.72 -3.01
N GLY A 19 -3.88 -4.65 -2.78
CA GLY A 19 -5.29 -4.35 -2.97
C GLY A 19 -6.15 -5.27 -2.08
N MET A 20 -7.43 -5.00 -2.12
CA MET A 20 -8.46 -5.69 -1.28
C MET A 20 -9.04 -6.88 -2.02
N SER A 21 -9.02 -8.04 -1.36
CA SER A 21 -9.80 -9.24 -1.74
C SER A 21 -11.18 -9.12 -1.09
N GLY A 22 -12.22 -8.96 -1.90
CA GLY A 22 -13.56 -8.63 -1.44
C GLY A 22 -14.58 -9.77 -1.26
N VAL A 23 -14.17 -11.01 -1.47
CA VAL A 23 -15.07 -12.16 -1.40
C VAL A 23 -15.86 -12.09 -0.06
N GLY A 24 -17.19 -12.33 -0.14
CA GLY A 24 -18.06 -12.20 0.99
C GLY A 24 -18.91 -10.95 0.82
N TRP A 25 -18.32 -9.88 0.25
CA TRP A 25 -19.06 -8.66 -0.07
C TRP A 25 -19.31 -8.51 -1.57
N ILE A 26 -18.30 -8.94 -2.34
CA ILE A 26 -18.35 -8.98 -3.82
C ILE A 26 -17.87 -10.34 -4.29
N ASN A 27 -18.03 -10.65 -5.59
CA ASN A 27 -17.59 -11.94 -6.09
C ASN A 27 -16.07 -12.11 -5.94
N ASP A 28 -15.62 -13.33 -5.70
CA ASP A 28 -14.22 -13.65 -5.48
C ASP A 28 -13.46 -13.37 -6.76
N LEU A 29 -12.18 -13.12 -6.59
CA LEU A 29 -11.23 -13.12 -7.68
C LEU A 29 -11.06 -14.56 -8.23
N THR A 30 -10.80 -14.67 -9.54
CA THR A 30 -10.44 -15.91 -10.18
C THR A 30 -8.97 -16.22 -10.14
N THR A 31 -8.63 -17.46 -10.41
CA THR A 31 -7.22 -17.85 -10.50
C THR A 31 -6.46 -16.95 -11.47
N GLU A 32 -7.00 -16.72 -12.67
CA GLU A 32 -6.32 -15.85 -13.65
C GLU A 32 -6.16 -14.42 -13.16
N GLN A 33 -7.21 -13.91 -12.53
CA GLN A 33 -7.12 -12.52 -12.01
C GLN A 33 -6.06 -12.37 -10.92
N ILE A 34 -5.94 -13.35 -10.03
CA ILE A 34 -4.84 -13.34 -9.02
C ILE A 34 -3.46 -13.40 -9.64
N ASN A 35 -3.31 -14.21 -10.69
CA ASN A 35 -2.04 -14.26 -11.46
C ASN A 35 -1.70 -12.94 -12.10
N THR A 36 -2.71 -12.27 -12.67
CA THR A 36 -2.48 -10.93 -13.30
C THR A 36 -2.07 -9.90 -12.29
N ALA A 37 -2.77 -9.94 -11.12
CA ALA A 37 -2.50 -8.91 -10.10
C ALA A 37 -1.22 -9.14 -9.32
N TYR A 38 -0.89 -10.39 -9.02
CA TYR A 38 0.22 -10.72 -8.11
C TYR A 38 1.51 -11.22 -8.79
N GLY A 39 1.44 -11.53 -10.10
CA GLY A 39 2.70 -11.68 -10.87
C GLY A 39 3.36 -10.33 -11.01
N SER A 40 4.64 -10.34 -11.37
CA SER A 40 5.42 -9.10 -11.57
C SER A 40 6.04 -8.97 -12.98
N GLY A 41 5.65 -9.85 -13.89
CA GLY A 41 6.09 -9.79 -15.29
C GLY A 41 5.28 -8.86 -16.15
N VAL A 42 5.66 -8.85 -17.42
CA VAL A 42 4.98 -8.01 -18.39
C VAL A 42 3.44 -8.27 -18.39
N GLY A 43 2.64 -7.20 -18.34
CA GLY A 43 1.21 -7.30 -18.30
C GLY A 43 0.61 -7.61 -16.93
N GLN A 44 1.46 -7.77 -15.93
CA GLN A 44 1.01 -8.06 -14.56
C GLN A 44 1.27 -6.86 -13.67
N ILE A 45 0.51 -6.77 -12.59
CA ILE A 45 0.50 -5.54 -11.79
C ILE A 45 1.70 -5.44 -10.83
N GLY A 46 2.14 -6.58 -10.26
CA GLY A 46 3.20 -6.59 -9.31
C GLY A 46 2.80 -6.41 -7.84
N LEU A 47 1.51 -6.58 -7.56
CA LEU A 47 1.07 -6.50 -6.14
C LEU A 47 1.82 -7.58 -5.34
N SER A 48 2.11 -7.24 -4.06
CA SER A 48 2.71 -8.17 -3.11
C SER A 48 2.06 -8.19 -1.73
N ILE A 49 0.93 -7.47 -1.63
CA ILE A 49 0.15 -7.43 -0.33
C ILE A 49 -1.33 -7.67 -0.78
N MET A 50 -2.00 -8.56 -0.04
CA MET A 50 -3.45 -8.75 -0.15
C MET A 50 -4.11 -8.45 1.20
N ARG A 51 -5.12 -7.58 1.15
CA ARG A 51 -5.95 -7.35 2.37
C ARG A 51 -7.21 -8.19 2.30
N VAL A 52 -7.56 -8.72 3.46
CA VAL A 52 -8.82 -9.46 3.64
C VAL A 52 -9.56 -8.95 4.82
N ARG A 53 -10.89 -9.11 4.81
CA ARG A 53 -11.77 -8.76 5.96
C ARG A 53 -12.00 -10.00 6.80
N ILE A 54 -12.03 -9.74 8.13
CA ILE A 54 -12.39 -10.73 9.16
C ILE A 54 -13.87 -10.66 9.50
N ASP A 55 -14.65 -11.62 8.98
CA ASP A 55 -16.11 -11.65 9.26
C ASP A 55 -16.29 -11.84 10.78
N PRO A 56 -17.25 -11.12 11.39
CA PRO A 56 -17.51 -11.40 12.80
C PRO A 56 -18.03 -12.81 13.05
N ASP A 57 -18.56 -13.49 12.01
CA ASP A 57 -19.09 -14.85 12.09
C ASP A 57 -18.03 -15.78 11.56
N SER A 58 -17.42 -16.56 12.44
CA SER A 58 -16.33 -17.49 12.04
C SER A 58 -16.72 -18.59 11.07
N SER A 59 -18.02 -18.84 10.93
CA SER A 59 -18.46 -19.86 9.91
C SER A 59 -18.29 -19.39 8.45
N LYS A 60 -17.99 -18.11 8.27
CA LYS A 60 -17.77 -17.57 6.94
C LYS A 60 -16.31 -17.37 6.53
N TRP A 61 -15.37 -17.64 7.43
CA TRP A 61 -13.95 -17.49 7.10
C TRP A 61 -13.44 -18.33 5.95
N ASN A 62 -14.00 -19.52 5.76
CA ASN A 62 -13.58 -20.42 4.72
C ASN A 62 -13.54 -19.76 3.35
N ILE A 63 -14.44 -18.82 3.07
CA ILE A 63 -14.52 -18.26 1.73
C ILE A 63 -13.30 -17.43 1.34
N GLN A 64 -12.54 -16.98 2.34
CA GLN A 64 -11.30 -16.21 2.09
C GLN A 64 -10.12 -17.02 1.57
N LEU A 65 -10.20 -18.37 1.70
CA LEU A 65 -9.00 -19.18 1.57
C LEU A 65 -8.49 -19.30 0.13
N PRO A 66 -9.37 -19.58 -0.87
CA PRO A 66 -8.80 -19.81 -2.20
C PRO A 66 -7.88 -18.63 -2.72
N SER A 67 -8.37 -17.41 -2.56
CA SER A 67 -7.61 -16.24 -3.02
C SER A 67 -6.35 -15.96 -2.18
N ALA A 68 -6.50 -16.01 -0.86
CA ALA A 68 -5.36 -15.78 0.02
C ALA A 68 -4.29 -16.84 -0.13
N ARG A 69 -4.67 -18.10 -0.25
CA ARG A 69 -3.71 -19.15 -0.44
C ARG A 69 -2.92 -18.98 -1.76
N GLN A 70 -3.62 -18.67 -2.84
CA GLN A 70 -2.94 -18.47 -4.11
C GLN A 70 -1.98 -17.27 -4.00
N ALA A 71 -2.41 -16.17 -3.35
CA ALA A 71 -1.51 -15.00 -3.20
C ALA A 71 -0.27 -15.35 -2.41
N VAL A 72 -0.42 -16.11 -1.29
CA VAL A 72 0.79 -16.51 -0.50
C VAL A 72 1.76 -17.35 -1.39
N SER A 73 1.21 -18.26 -2.21
CA SER A 73 2.03 -19.07 -3.10
C SER A 73 2.82 -18.22 -4.11
N LEU A 74 2.28 -17.05 -4.48
CA LEU A 74 2.88 -16.07 -5.39
C LEU A 74 3.80 -15.06 -4.64
N GLY A 75 4.07 -15.29 -3.35
CA GLY A 75 5.01 -14.48 -2.59
C GLY A 75 4.33 -13.32 -1.86
N ALA A 76 3.02 -13.19 -1.92
CA ALA A 76 2.34 -12.02 -1.28
C ALA A 76 2.20 -12.18 0.22
N LYS A 77 2.19 -11.04 0.91
CA LYS A 77 1.94 -10.95 2.33
C LYS A 77 0.43 -10.63 2.55
N ILE A 78 -0.22 -11.38 3.45
CA ILE A 78 -1.64 -11.15 3.74
C ILE A 78 -1.72 -10.26 5.00
N MET A 79 -2.53 -9.19 4.92
CA MET A 79 -2.96 -8.44 6.13
C MET A 79 -4.48 -8.59 6.29
N ALA A 80 -4.93 -8.70 7.53
CA ALA A 80 -6.34 -8.84 7.81
C ALA A 80 -6.88 -7.71 8.64
N THR A 81 -8.02 -7.18 8.24
CA THR A 81 -8.74 -6.11 8.94
C THR A 81 -10.14 -6.57 9.38
N PRO A 82 -10.48 -6.36 10.69
CA PRO A 82 -11.87 -6.47 11.18
C PRO A 82 -12.59 -5.14 11.06
N TRP A 83 -13.84 -5.14 10.61
CA TRP A 83 -14.72 -4.00 10.60
C TRP A 83 -15.55 -3.89 11.92
N SER A 84 -15.95 -5.03 12.49
CA SER A 84 -16.61 -5.03 13.82
C SER A 84 -16.23 -6.30 14.57
N PRO A 85 -16.13 -6.19 15.90
CA PRO A 85 -16.26 -7.37 16.76
C PRO A 85 -17.66 -8.06 16.60
N PRO A 86 -17.75 -9.35 16.98
CA PRO A 86 -19.08 -9.91 17.17
C PRO A 86 -19.98 -8.95 18.02
N ALA A 87 -21.23 -8.83 17.63
CA ALA A 87 -22.11 -7.80 18.19
C ALA A 87 -22.23 -7.87 19.69
N TYR A 88 -22.34 -9.09 20.24
CA TYR A 88 -22.49 -9.22 21.66
C TYR A 88 -21.36 -8.63 22.49
N MET A 89 -20.18 -8.43 21.92
CA MET A 89 -19.05 -7.83 22.61
C MET A 89 -19.16 -6.31 22.82
N LYS A 90 -20.09 -5.67 22.13
CA LYS A 90 -20.12 -4.23 21.96
C LYS A 90 -21.20 -3.53 22.80
N SER A 91 -21.00 -2.24 23.05
CA SER A 91 -21.94 -1.46 23.87
C SER A 91 -23.35 -1.37 23.28
N ASN A 92 -23.46 -1.51 21.96
CA ASN A 92 -24.72 -1.39 21.27
C ASN A 92 -25.33 -2.73 20.85
N ASN A 93 -24.62 -3.83 21.11
CA ASN A 93 -25.08 -5.16 20.69
C ASN A 93 -25.57 -5.17 19.25
N SER A 94 -24.75 -4.58 18.37
CA SER A 94 -25.03 -4.50 16.94
C SER A 94 -23.70 -4.44 16.19
N LEU A 95 -23.68 -5.02 14.99
CA LEU A 95 -22.49 -4.94 14.14
C LEU A 95 -22.30 -3.59 13.47
N ILE A 96 -23.36 -2.79 13.42
CA ILE A 96 -23.38 -1.57 12.57
C ILE A 96 -23.60 -0.30 13.40
N ASN A 97 -23.44 0.87 12.76
CA ASN A 97 -23.65 2.15 13.45
C ASN A 97 -22.69 2.38 14.61
N GLY A 98 -21.47 1.92 14.46
CA GLY A 98 -20.44 2.03 15.48
C GLY A 98 -20.71 1.14 16.70
N GLY A 99 -20.79 1.76 17.89
CA GLY A 99 -20.72 0.97 19.10
C GLY A 99 -19.30 0.81 19.55
N ARG A 100 -19.01 0.70 20.83
CA ARG A 100 -17.63 0.51 21.33
C ARG A 100 -17.43 -0.91 21.76
N LEU A 101 -16.20 -1.46 21.65
CA LEU A 101 -15.84 -2.72 22.23
C LEU A 101 -15.84 -2.53 23.76
N LEU A 102 -16.58 -3.37 24.48
CA LEU A 102 -16.56 -3.28 25.95
C LEU A 102 -15.17 -3.76 26.47
N PRO A 103 -14.55 -3.00 27.39
CA PRO A 103 -13.27 -3.45 27.95
C PRO A 103 -13.30 -4.81 28.60
N ALA A 104 -14.43 -5.21 29.16
CA ALA A 104 -14.61 -6.57 29.66
C ALA A 104 -14.35 -7.66 28.64
N ASN A 105 -14.55 -7.29 27.38
CA ASN A 105 -14.38 -8.21 26.25
C ASN A 105 -13.06 -8.04 25.49
N TYR A 106 -12.07 -7.33 26.02
CA TYR A 106 -10.84 -7.18 25.22
C TYR A 106 -10.19 -8.52 25.03
N SER A 107 -10.16 -9.38 26.06
CA SER A 107 -9.52 -10.72 25.92
C SER A 107 -10.30 -11.61 24.94
N ALA A 108 -11.65 -11.55 25.01
CA ALA A 108 -12.46 -12.34 24.08
C ALA A 108 -12.22 -11.87 22.62
N TYR A 109 -12.10 -10.57 22.42
CA TYR A 109 -11.84 -10.00 21.08
C TYR A 109 -10.50 -10.45 20.55
N THR A 110 -9.49 -10.47 21.43
CA THR A 110 -8.16 -10.93 20.99
C THR A 110 -8.23 -12.41 20.56
N SER A 111 -9.00 -13.23 21.31
CA SER A 111 -9.19 -14.61 20.93
C SER A 111 -9.87 -14.75 19.58
N HIS A 112 -10.86 -13.93 19.29
CA HIS A 112 -11.51 -13.89 17.97
C HIS A 112 -10.45 -13.63 16.87
N LEU A 113 -9.62 -12.59 17.04
CA LEU A 113 -8.63 -12.26 16.01
C LEU A 113 -7.61 -13.34 15.84
N LEU A 114 -7.18 -13.92 16.94
CA LEU A 114 -6.16 -14.96 16.86
C LEU A 114 -6.74 -16.27 16.31
N ASP A 115 -7.99 -16.57 16.57
CA ASP A 115 -8.68 -17.70 15.95
C ASP A 115 -8.65 -17.52 14.40
N PHE A 116 -8.92 -16.29 13.92
CA PHE A 116 -8.84 -16.02 12.49
C PHE A 116 -7.44 -16.28 11.95
N SER A 117 -6.45 -15.78 12.68
CA SER A 117 -5.10 -15.99 12.21
C SER A 117 -4.73 -17.48 12.19
N LYS A 118 -5.20 -18.25 13.18
CA LYS A 118 -4.91 -19.69 13.26
C LYS A 118 -5.57 -20.44 12.10
N TYR A 119 -6.82 -20.05 11.80
CA TYR A 119 -7.58 -20.65 10.69
C TYR A 119 -6.84 -20.44 9.35
N MET A 120 -6.41 -19.22 9.12
CA MET A 120 -5.65 -18.88 7.91
C MET A 120 -4.36 -19.69 7.83
N GLN A 121 -3.57 -19.72 8.89
CA GLN A 121 -2.32 -20.46 8.91
C GLN A 121 -2.57 -21.96 8.63
N THR A 122 -3.50 -22.58 9.38
CA THR A 122 -3.77 -24.01 9.23
C THR A 122 -4.18 -24.39 7.79
N ASN A 123 -4.83 -23.46 7.13
CA ASN A 123 -5.35 -23.68 5.78
C ASN A 123 -4.49 -23.14 4.65
N GLY A 124 -3.24 -22.80 4.97
CA GLY A 124 -2.26 -22.49 3.90
C GLY A 124 -2.27 -21.04 3.43
N ALA A 125 -2.85 -20.13 4.20
CA ALA A 125 -2.76 -18.68 3.93
C ALA A 125 -2.32 -17.89 5.19
N PRO A 126 -1.14 -18.18 5.72
CA PRO A 126 -0.71 -17.51 6.96
C PRO A 126 -0.71 -15.95 6.83
N LEU A 127 -1.12 -15.27 7.92
CA LEU A 127 -1.08 -13.81 7.94
C LEU A 127 0.35 -13.31 8.19
N TYR A 128 0.64 -12.18 7.53
CA TYR A 128 1.77 -11.39 7.83
C TYR A 128 1.46 -10.32 8.89
N ALA A 129 0.31 -9.68 8.78
CA ALA A 129 -0.06 -8.55 9.64
C ALA A 129 -1.56 -8.67 9.98
N ILE A 130 -1.95 -8.10 11.13
CA ILE A 130 -3.37 -8.05 11.51
C ILE A 130 -3.63 -6.67 12.14
N SER A 131 -4.78 -6.11 11.80
CA SER A 131 -5.28 -4.87 12.33
C SER A 131 -6.29 -5.07 13.43
N ILE A 132 -6.28 -4.08 14.34
CA ILE A 132 -7.26 -4.15 15.47
C ILE A 132 -8.61 -3.60 15.13
N GLN A 133 -8.74 -2.73 14.10
CA GLN A 133 -10.01 -2.08 13.79
C GLN A 133 -9.90 -1.33 12.46
N ASN A 134 -10.92 -1.44 11.61
CA ASN A 134 -11.14 -0.53 10.50
C ASN A 134 -11.73 0.78 10.93
N GLU A 135 -11.14 1.91 10.59
CA GLU A 135 -11.77 3.22 10.74
C GLU A 135 -12.55 3.43 12.08
N PRO A 136 -11.78 3.42 13.17
CA PRO A 136 -12.42 3.60 14.55
C PRO A 136 -13.05 4.94 14.66
N ASP A 137 -12.76 5.91 13.80
CA ASP A 137 -13.32 7.20 13.76
C ASP A 137 -14.56 7.42 12.84
N TRP A 138 -15.12 6.31 12.37
CA TRP A 138 -16.26 6.34 11.45
C TRP A 138 -17.36 5.34 11.94
N LYS A 139 -18.62 5.85 12.01
CA LYS A 139 -19.77 5.08 12.53
C LYS A 139 -20.88 5.07 11.45
N PRO A 140 -20.66 4.38 10.31
CA PRO A 140 -21.64 4.23 9.24
C PRO A 140 -22.62 3.09 9.53
N ASP A 141 -23.60 2.95 8.61
CA ASP A 141 -24.60 1.92 8.75
C ASP A 141 -24.21 0.55 8.19
N TYR A 142 -22.92 0.25 8.10
CA TYR A 142 -22.40 -1.03 7.84
C TYR A 142 -21.39 -1.41 8.94
N GLU A 143 -20.76 -2.60 8.86
CA GLU A 143 -19.91 -3.09 9.95
C GLU A 143 -18.91 -2.03 10.38
N SER A 144 -18.85 -1.78 11.67
CA SER A 144 -18.06 -0.63 12.21
C SER A 144 -17.94 -0.75 13.71
N CYS A 145 -16.99 -0.03 14.28
CA CYS A 145 -16.77 -0.01 15.75
C CYS A 145 -15.91 1.17 16.09
N GLU A 146 -16.39 1.99 17.02
CA GLU A 146 -15.77 3.20 17.46
C GLU A 146 -14.73 2.98 18.59
N TRP A 147 -13.51 3.50 18.35
CA TRP A 147 -12.46 3.52 19.36
C TRP A 147 -11.81 4.87 19.43
N SER A 148 -11.37 5.26 20.62
CA SER A 148 -10.48 6.38 20.80
C SER A 148 -9.00 5.95 20.90
N GLY A 149 -8.12 6.92 20.77
CA GLY A 149 -6.67 6.68 21.04
C GLY A 149 -6.37 6.06 22.40
N ASP A 150 -7.14 6.51 23.40
CA ASP A 150 -6.91 6.01 24.77
C ASP A 150 -7.39 4.54 24.88
N GLU A 151 -8.47 4.15 24.17
CA GLU A 151 -8.89 2.76 24.15
C GLU A 151 -7.82 1.87 23.46
N PHE A 152 -7.24 2.33 22.31
CA PHE A 152 -6.17 1.52 21.66
C PHE A 152 -4.97 1.31 22.64
N LYS A 153 -4.62 2.36 23.41
CA LYS A 153 -3.50 2.29 24.35
C LYS A 153 -3.82 1.20 25.44
N SER A 154 -5.02 1.25 26.03
CA SER A 154 -5.40 0.31 27.05
C SER A 154 -5.39 -1.13 26.52
N TYR A 155 -6.03 -1.30 25.36
CA TYR A 155 -6.11 -2.60 24.70
C TYR A 155 -4.72 -3.19 24.45
N LEU A 156 -3.84 -2.41 23.82
CA LEU A 156 -2.54 -2.95 23.52
C LEU A 156 -1.69 -3.28 24.73
N LYS A 157 -1.80 -2.42 25.73
CA LYS A 157 -1.11 -2.71 27.01
C LYS A 157 -1.53 -4.07 27.64
N SER A 158 -2.84 -4.37 27.61
CA SER A 158 -3.31 -5.64 28.23
C SER A 158 -3.32 -6.87 27.31
N GLN A 159 -3.34 -6.63 25.99
CA GLN A 159 -3.52 -7.71 24.97
C GLN A 159 -2.36 -7.94 24.03
N GLY A 160 -1.51 -6.92 23.86
CA GLY A 160 -0.54 -6.91 22.78
C GLY A 160 0.46 -8.04 22.81
N SER A 161 0.82 -8.54 24.01
CA SER A 161 1.70 -9.66 24.13
C SER A 161 1.22 -10.98 23.49
N LYS A 162 -0.08 -11.09 23.21
CA LYS A 162 -0.64 -12.32 22.68
C LYS A 162 -0.46 -12.48 21.16
N PHE A 163 -0.11 -11.39 20.46
CA PHE A 163 -0.01 -11.41 18.99
C PHE A 163 1.26 -12.10 18.41
N GLY A 164 2.32 -12.13 19.19
CA GLY A 164 3.61 -12.78 18.80
C GLY A 164 4.19 -12.21 17.55
N SER A 165 4.58 -13.09 16.63
CA SER A 165 5.19 -12.57 15.42
C SER A 165 4.27 -11.91 14.41
N LEU A 166 2.95 -11.99 14.60
CA LEU A 166 2.05 -11.24 13.75
C LEU A 166 2.38 -9.78 13.85
N LYS A 167 2.45 -9.10 12.70
CA LYS A 167 2.70 -7.66 12.75
C LYS A 167 1.38 -6.88 13.01
N VAL A 168 1.26 -6.29 14.19
CA VAL A 168 0.04 -5.57 14.55
C VAL A 168 -0.01 -4.14 13.96
N ILE A 169 -1.12 -3.84 13.33
CA ILE A 169 -1.49 -2.61 12.74
C ILE A 169 -2.49 -1.86 13.60
N VAL A 170 -2.19 -0.58 13.92
CA VAL A 170 -3.25 0.40 14.38
C VAL A 170 -3.04 1.73 13.69
N ALA A 171 -4.05 2.60 13.56
CA ALA A 171 -5.45 2.44 13.97
C ALA A 171 -6.39 2.37 12.75
N GLU A 172 -5.84 2.43 11.51
CA GLU A 172 -6.63 2.57 10.30
C GLU A 172 -7.67 3.70 10.35
N SER A 173 -7.24 4.83 10.94
CA SER A 173 -8.03 6.06 10.85
C SER A 173 -8.51 6.34 9.45
N LEU A 174 -9.73 6.79 9.24
CA LEU A 174 -10.29 7.05 7.93
C LEU A 174 -9.49 8.08 7.14
N GLY A 175 -8.87 9.03 7.83
CA GLY A 175 -8.12 10.15 7.27
C GLY A 175 -6.72 10.25 7.83
N PHE A 176 -6.19 9.16 8.33
CA PHE A 176 -4.82 9.13 8.87
C PHE A 176 -4.61 10.17 9.98
N ASN A 177 -5.61 10.33 10.85
CA ASN A 177 -5.55 11.32 11.92
C ASN A 177 -4.63 10.82 13.04
N PRO A 178 -3.53 11.55 13.32
CA PRO A 178 -2.61 11.09 14.36
C PRO A 178 -3.23 10.95 15.79
N ALA A 179 -4.36 11.62 16.02
CA ALA A 179 -5.03 11.55 17.36
C ALA A 179 -5.36 10.10 17.75
N LEU A 180 -5.64 9.25 16.76
CA LEU A 180 -5.99 7.87 17.01
C LEU A 180 -4.82 7.01 17.50
N THR A 181 -3.58 7.40 17.14
CA THR A 181 -2.39 6.58 17.42
C THR A 181 -1.33 7.26 18.32
N ASP A 182 -1.41 8.57 18.52
CA ASP A 182 -0.39 9.28 19.33
C ASP A 182 -0.34 8.74 20.78
N PRO A 183 -1.49 8.48 21.44
CA PRO A 183 -1.35 7.89 22.79
C PRO A 183 -0.60 6.59 22.87
N VAL A 184 -0.78 5.72 21.86
CA VAL A 184 -0.03 4.47 21.79
C VAL A 184 1.47 4.76 21.57
N LEU A 185 1.76 5.66 20.59
CA LEU A 185 3.19 5.96 20.25
C LEU A 185 3.95 6.58 21.41
N LYS A 186 3.28 7.25 22.33
CA LYS A 186 3.94 7.92 23.43
C LYS A 186 4.10 7.03 24.64
N ASP A 187 3.67 5.79 24.57
CA ASP A 187 3.86 4.87 25.66
C ASP A 187 4.57 3.63 25.16
N SER A 188 5.82 3.41 25.63
CA SER A 188 6.61 2.24 25.17
C SER A 188 5.98 0.89 25.53
N ASP A 189 5.18 0.80 26.60
CA ASP A 189 4.53 -0.52 26.88
C ASP A 189 3.29 -0.82 26.03
N ALA A 190 2.73 0.17 25.31
CA ALA A 190 1.72 -0.10 24.26
C ALA A 190 2.44 -0.26 22.90
N SER A 191 3.33 0.68 22.61
CA SER A 191 3.96 0.76 21.30
C SER A 191 4.84 -0.48 20.92
N LYS A 192 5.43 -1.15 21.93
CA LYS A 192 6.31 -2.29 21.67
C LYS A 192 5.60 -3.39 20.94
N TYR A 193 4.28 -3.48 21.11
CA TYR A 193 3.48 -4.54 20.44
C TYR A 193 3.02 -4.19 19.05
N VAL A 194 3.29 -2.98 18.63
CA VAL A 194 2.84 -2.48 17.31
C VAL A 194 3.97 -2.54 16.28
N SER A 195 3.72 -3.01 15.05
CA SER A 195 4.76 -2.96 14.01
C SER A 195 4.46 -1.90 12.96
N ILE A 196 3.20 -1.60 12.70
CA ILE A 196 2.75 -0.81 11.55
C ILE A 196 1.74 0.23 12.05
N ILE A 197 1.92 1.49 11.67
CA ILE A 197 0.90 2.53 11.83
C ILE A 197 0.19 2.60 10.50
N GLY A 198 -1.04 2.14 10.44
CA GLY A 198 -1.87 2.14 9.25
C GLY A 198 -2.90 3.20 9.20
N GLY A 199 -3.23 3.69 8.00
CA GLY A 199 -4.19 4.70 7.79
C GLY A 199 -4.81 4.75 6.46
N HIS A 200 -5.93 5.40 6.31
CA HIS A 200 -6.61 5.58 5.04
C HIS A 200 -6.50 7.07 4.66
N LEU A 201 -6.89 7.38 3.39
CA LEU A 201 -6.75 8.74 2.82
C LEU A 201 -8.07 9.46 2.49
N TYR A 202 -9.18 8.94 3.06
CA TYR A 202 -10.47 9.54 2.72
C TYR A 202 -10.55 11.00 3.18
N GLY A 203 -10.92 11.88 2.23
CA GLY A 203 -11.07 13.28 2.48
C GLY A 203 -9.78 14.06 2.67
N THR A 204 -8.62 13.44 2.44
CA THR A 204 -7.34 14.04 2.72
C THR A 204 -6.28 13.65 1.68
N THR A 205 -5.02 13.94 2.01
CA THR A 205 -3.87 13.72 1.09
C THR A 205 -2.78 13.08 1.91
N PRO A 206 -1.82 12.41 1.29
CA PRO A 206 -0.69 11.85 2.05
C PRO A 206 0.11 12.95 2.73
N LYS A 207 0.53 12.67 3.96
CA LYS A 207 1.44 13.55 4.71
C LYS A 207 2.44 12.74 5.51
N PRO A 208 3.61 13.30 5.81
CA PRO A 208 4.51 12.55 6.69
C PRO A 208 3.91 12.45 8.12
N TYR A 209 4.42 11.51 8.91
CA TYR A 209 3.96 11.31 10.29
C TYR A 209 5.22 10.96 11.09
N PRO A 210 5.98 12.00 11.51
CA PRO A 210 7.26 11.80 12.18
C PRO A 210 7.28 10.98 13.45
N LEU A 211 6.26 11.13 14.31
CA LEU A 211 6.31 10.33 15.53
C LEU A 211 6.27 8.83 15.24
N ALA A 212 5.50 8.47 14.20
CA ALA A 212 5.40 7.08 13.83
C ALA A 212 6.73 6.60 13.22
N GLN A 213 7.22 7.43 12.32
CA GLN A 213 8.43 7.18 11.59
C GLN A 213 9.63 7.03 12.49
N ASN A 214 9.72 7.94 13.44
CA ASN A 214 10.83 7.90 14.38
C ASN A 214 10.76 6.77 15.43
N ALA A 215 9.55 6.26 15.66
CA ALA A 215 9.39 5.07 16.48
C ALA A 215 9.70 3.72 15.78
N GLY A 216 10.14 3.78 14.52
CA GLY A 216 10.46 2.54 13.83
C GLY A 216 9.29 1.76 13.36
N LYS A 217 8.12 2.40 13.32
CA LYS A 217 6.97 1.71 12.77
C LYS A 217 6.95 2.02 11.28
N GLN A 218 6.55 1.03 10.51
CA GLN A 218 6.30 1.27 9.08
C GLN A 218 4.96 2.00 8.99
N LEU A 219 4.87 3.00 8.12
CA LEU A 219 3.61 3.61 7.78
C LEU A 219 2.99 2.88 6.60
N TRP A 220 1.80 2.34 6.73
CA TRP A 220 1.09 1.70 5.65
C TRP A 220 -0.18 2.45 5.34
N MET A 221 -0.44 2.77 4.08
CA MET A 221 -1.69 3.34 3.62
C MET A 221 -2.53 2.10 3.23
N THR A 222 -3.42 1.66 4.14
CA THR A 222 -4.06 0.35 4.01
C THR A 222 -5.34 0.33 3.21
N GLU A 223 -5.90 1.47 2.86
CA GLU A 223 -7.10 1.50 2.00
C GLU A 223 -7.33 2.88 1.42
N HIS A 224 -7.44 2.94 0.07
CA HIS A 224 -8.00 4.10 -0.59
C HIS A 224 -8.44 3.67 -2.01
N TYR A 225 -9.23 4.52 -2.61
CA TYR A 225 -9.49 4.54 -4.07
C TYR A 225 -9.78 6.00 -4.42
N VAL A 226 -9.67 6.35 -5.70
CA VAL A 226 -10.14 7.63 -6.22
C VAL A 226 -11.45 7.52 -6.95
N ASP A 227 -12.10 8.67 -7.18
CA ASP A 227 -13.39 8.77 -7.82
C ASP A 227 -13.97 7.49 -8.33
N SER A 228 -14.83 6.85 -7.55
CA SER A 228 -15.38 5.56 -7.91
C SER A 228 -16.43 5.65 -9.04
N LYS A 229 -16.90 6.84 -9.41
CA LYS A 229 -17.80 6.94 -10.57
C LYS A 229 -17.10 6.96 -11.93
N GLN A 230 -15.78 7.11 -11.92
CA GLN A 230 -15.05 7.04 -13.18
C GLN A 230 -14.74 5.61 -13.57
N SER A 231 -14.75 5.36 -14.87
CA SER A 231 -14.10 4.17 -15.36
C SER A 231 -12.65 4.15 -14.96
N ALA A 232 -12.13 2.97 -14.58
CA ALA A 232 -10.72 2.81 -14.28
C ALA A 232 -9.83 3.01 -15.53
N ASN A 233 -10.45 3.10 -16.75
CA ASN A 233 -9.69 3.41 -17.94
C ASN A 233 -9.71 4.86 -18.37
N ASN A 234 -10.37 5.74 -17.60
CA ASN A 234 -10.36 7.14 -17.87
C ASN A 234 -8.99 7.69 -17.49
N TRP A 235 -8.22 8.21 -18.44
CA TRP A 235 -6.83 8.61 -18.13
C TRP A 235 -6.73 9.87 -17.30
N THR A 236 -7.63 10.83 -17.52
CA THR A 236 -7.62 12.06 -16.70
C THR A 236 -7.70 11.72 -15.22
N SER A 237 -8.53 10.74 -14.87
CA SER A 237 -8.59 10.26 -13.50
C SER A 237 -7.46 9.35 -13.10
N ALA A 238 -7.06 8.40 -13.97
CA ALA A 238 -6.04 7.46 -13.58
C ALA A 238 -4.67 8.12 -13.26
N ILE A 239 -4.33 9.18 -13.98
CA ILE A 239 -3.06 9.82 -13.77
C ILE A 239 -2.97 10.36 -12.32
N GLU A 240 -4.11 10.71 -11.72
CA GLU A 240 -4.13 11.21 -10.33
C GLU A 240 -3.91 10.09 -9.31
N VAL A 241 -4.06 8.82 -9.69
CA VAL A 241 -3.54 7.73 -8.89
C VAL A 241 -2.04 7.85 -8.79
N GLY A 242 -1.43 8.18 -9.95
CA GLY A 242 0.00 8.41 -9.95
C GLY A 242 0.41 9.51 -9.02
N THR A 243 -0.32 10.63 -9.09
CA THR A 243 -0.05 11.78 -8.14
C THR A 243 -0.11 11.27 -6.69
N GLU A 244 -1.11 10.46 -6.34
CA GLU A 244 -1.33 10.05 -4.96
C GLU A 244 -0.24 9.04 -4.52
N LEU A 245 0.21 8.14 -5.45
CA LEU A 245 1.31 7.22 -5.18
C LEU A 245 2.57 8.02 -4.91
N ASN A 246 2.91 8.96 -5.81
CA ASN A 246 4.14 9.75 -5.61
C ASN A 246 4.08 10.44 -4.20
N ALA A 247 2.95 11.08 -3.87
CA ALA A 247 2.82 11.78 -2.55
C ALA A 247 2.97 10.80 -1.40
N SER A 248 2.43 9.59 -1.55
CA SER A 248 2.50 8.56 -0.51
C SER A 248 3.98 8.20 -0.26
N MET A 249 4.73 7.99 -1.34
CA MET A 249 6.13 7.60 -1.23
C MET A 249 6.96 8.76 -0.62
N VAL A 250 6.66 9.99 -1.01
CA VAL A 250 7.35 11.18 -0.46
C VAL A 250 7.06 11.34 1.07
N SER A 251 5.87 10.91 1.48
CA SER A 251 5.37 10.93 2.86
C SER A 251 5.95 9.78 3.69
N ASN A 252 6.85 8.97 3.12
CA ASN A 252 7.60 7.90 3.79
C ASN A 252 6.77 6.66 4.05
N TYR A 253 5.69 6.50 3.31
CA TYR A 253 4.88 5.26 3.43
C TYR A 253 5.64 4.02 2.88
N SER A 254 5.65 2.94 3.64
CA SER A 254 6.25 1.65 3.24
C SER A 254 5.33 0.78 2.37
N ALA A 255 4.03 1.04 2.38
CA ALA A 255 3.05 0.26 1.64
C ALA A 255 1.90 1.15 1.28
N TYR A 256 1.28 0.77 0.14
CA TYR A 256 0.07 1.40 -0.38
C TYR A 256 -0.85 0.31 -0.88
N VAL A 257 -2.07 0.24 -0.31
CA VAL A 257 -3.04 -0.81 -0.57
C VAL A 257 -4.32 -0.21 -1.07
N TRP A 258 -4.69 -0.48 -2.33
CA TRP A 258 -5.94 -0.06 -2.89
C TRP A 258 -7.11 -0.83 -2.25
N TRP A 259 -8.29 -0.31 -2.53
CA TRP A 259 -9.59 -1.03 -2.25
C TRP A 259 -9.75 -2.19 -3.24
N TYR A 260 -10.97 -2.58 -3.58
CA TYR A 260 -11.19 -3.81 -4.35
C TYR A 260 -10.27 -3.88 -5.58
N ILE A 261 -9.61 -5.01 -5.73
CA ILE A 261 -8.68 -5.18 -6.87
C ILE A 261 -9.44 -5.16 -8.21
N ARG A 262 -10.54 -5.94 -8.31
CA ARG A 262 -11.39 -5.97 -9.51
C ARG A 262 -12.66 -5.24 -9.30
N ARG A 263 -12.86 -4.21 -10.08
CA ARG A 263 -14.07 -3.38 -10.00
C ARG A 263 -14.08 -2.41 -11.14
N SER A 264 -15.23 -1.80 -11.43
CA SER A 264 -15.29 -0.88 -12.57
C SER A 264 -14.31 0.23 -12.45
N TYR A 265 -13.98 0.61 -11.21
CA TYR A 265 -13.03 1.69 -10.90
C TYR A 265 -11.72 1.14 -10.27
N GLY A 266 -11.48 -0.15 -10.41
CA GLY A 266 -10.40 -0.80 -9.78
C GLY A 266 -9.14 -1.00 -10.63
N LEU A 267 -8.25 -1.89 -10.16
CA LEU A 267 -6.98 -2.19 -10.83
C LEU A 267 -7.11 -3.19 -12.01
N LEU A 268 -8.07 -4.09 -11.89
CA LEU A 268 -8.62 -4.92 -12.96
C LEU A 268 -10.10 -4.52 -13.20
N THR A 269 -10.56 -4.31 -14.43
CA THR A 269 -11.96 -4.13 -14.75
C THR A 269 -12.66 -5.52 -14.67
N GLU A 270 -13.98 -5.49 -14.78
CA GLU A 270 -14.77 -6.71 -14.56
C GLU A 270 -14.48 -7.81 -15.61
N ASP A 271 -13.97 -7.41 -16.78
CA ASP A 271 -13.46 -8.35 -17.82
C ASP A 271 -12.12 -9.01 -17.45
N GLY A 272 -11.56 -8.69 -16.26
CA GLY A 272 -10.30 -9.24 -15.82
C GLY A 272 -9.06 -8.53 -16.35
N LYS A 273 -9.23 -7.56 -17.21
CA LYS A 273 -8.09 -6.92 -17.84
C LYS A 273 -7.53 -5.81 -16.90
N VAL A 274 -6.24 -5.64 -16.95
CA VAL A 274 -5.61 -4.50 -16.25
C VAL A 274 -6.14 -3.18 -16.75
N SER A 275 -6.50 -2.29 -15.85
CA SER A 275 -7.01 -0.96 -16.15
C SER A 275 -5.90 0.05 -16.20
N LYS A 276 -6.18 1.25 -16.69
CA LYS A 276 -5.20 2.32 -16.59
C LYS A 276 -4.74 2.61 -15.14
N ARG A 277 -5.66 2.51 -14.18
CA ARG A 277 -5.30 2.62 -12.77
C ARG A 277 -4.32 1.51 -12.33
N GLY A 278 -4.58 0.27 -12.79
CA GLY A 278 -3.70 -0.84 -12.56
C GLY A 278 -2.32 -0.68 -13.20
N TYR A 279 -2.27 -0.17 -14.43
CA TYR A 279 -1.00 0.05 -15.05
C TYR A 279 -0.21 1.09 -14.33
N VAL A 280 -0.87 2.17 -13.91
CA VAL A 280 -0.17 3.17 -13.06
C VAL A 280 0.44 2.52 -11.80
N MET A 281 -0.39 1.74 -11.08
CA MET A 281 0.12 1.04 -9.93
C MET A 281 1.35 0.25 -10.25
N SER A 282 1.31 -0.45 -11.41
CA SER A 282 2.42 -1.32 -11.84
C SER A 282 3.72 -0.55 -12.20
N GLN A 283 3.61 0.71 -12.58
CA GLN A 283 4.81 1.53 -12.80
C GLN A 283 5.68 1.59 -11.53
N TYR A 284 5.00 1.55 -10.37
CA TYR A 284 5.68 1.40 -9.09
C TYR A 284 5.91 -0.09 -8.77
N ALA A 285 4.82 -0.90 -8.75
CA ALA A 285 4.90 -2.21 -8.17
C ALA A 285 5.76 -3.25 -8.95
N ARG A 286 5.77 -3.18 -10.31
CA ARG A 286 6.59 -4.15 -11.06
C ARG A 286 8.09 -3.89 -10.79
N PHE A 287 8.46 -2.64 -10.49
CA PHE A 287 9.87 -2.19 -10.53
C PHE A 287 10.49 -1.87 -9.20
N VAL A 288 9.69 -1.39 -8.27
CA VAL A 288 10.13 -1.03 -6.90
C VAL A 288 9.67 -2.25 -6.05
N ARG A 289 10.51 -3.27 -5.93
CA ARG A 289 10.15 -4.56 -5.35
C ARG A 289 10.33 -4.53 -3.81
N PRO A 290 9.68 -5.48 -3.13
CA PRO A 290 9.82 -5.53 -1.68
C PRO A 290 11.28 -5.48 -1.21
N GLY A 291 11.53 -4.69 -0.17
CA GLY A 291 12.85 -4.51 0.41
C GLY A 291 13.62 -3.38 -0.21
N ALA A 292 13.06 -2.74 -1.22
CA ALA A 292 13.67 -1.57 -1.81
C ALA A 292 13.77 -0.45 -0.72
N LEU A 293 14.81 0.40 -0.85
CA LEU A 293 14.94 1.66 -0.13
C LEU A 293 14.70 2.83 -0.98
N ARG A 294 13.83 3.75 -0.53
CA ARG A 294 13.69 5.03 -1.23
C ARG A 294 14.97 5.85 -0.97
N ILE A 295 15.44 6.61 -2.00
CA ILE A 295 16.66 7.39 -1.90
C ILE A 295 16.39 8.87 -2.20
N GLN A 296 17.39 9.72 -1.90
CA GLN A 296 17.28 11.12 -2.20
C GLN A 296 17.26 11.43 -3.67
N ALA A 297 16.28 12.23 -4.12
CA ALA A 297 16.10 12.56 -5.52
C ALA A 297 15.24 13.84 -5.59
N THR A 298 15.64 14.81 -6.42
CA THR A 298 14.88 16.06 -6.60
C THR A 298 13.41 15.72 -6.92
N GLU A 299 12.51 16.11 -6.02
CA GLU A 299 11.13 15.65 -6.07
C GLU A 299 10.29 16.39 -7.07
N ASN A 300 10.57 17.67 -7.27
CA ASN A 300 9.71 18.53 -8.13
C ASN A 300 10.66 19.37 -8.98
N PRO A 301 11.33 18.74 -9.98
CA PRO A 301 12.45 19.41 -10.69
C PRO A 301 11.96 20.57 -11.59
N GLN A 302 10.68 20.60 -11.95
CA GLN A 302 10.10 21.62 -12.79
C GLN A 302 8.56 21.47 -12.65
N SER A 303 7.86 22.55 -12.98
CA SER A 303 6.40 22.62 -12.77
C SER A 303 5.68 21.39 -13.34
N ASN A 304 4.85 20.76 -12.52
CA ASN A 304 4.02 19.62 -12.92
C ASN A 304 4.83 18.35 -13.30
N VAL A 305 6.03 18.22 -12.73
CA VAL A 305 6.79 17.00 -12.70
C VAL A 305 7.14 16.64 -11.25
N HIS A 306 6.76 15.44 -10.86
CA HIS A 306 7.01 14.93 -9.51
C HIS A 306 7.65 13.56 -9.60
N LEU A 307 8.68 13.30 -8.80
CA LEU A 307 9.39 12.00 -8.92
C LEU A 307 9.96 11.50 -7.60
N THR A 308 10.16 10.20 -7.54
CA THR A 308 10.87 9.50 -6.45
C THR A 308 11.89 8.50 -7.10
N ALA A 309 12.86 8.08 -6.31
CA ALA A 309 13.88 7.10 -6.70
C ALA A 309 14.16 6.10 -5.61
N TYR A 310 14.66 4.93 -5.97
CA TYR A 310 14.81 3.79 -5.09
C TYR A 310 16.07 3.01 -5.49
N LYS A 311 16.54 2.16 -4.59
CA LYS A 311 17.44 1.08 -4.86
C LYS A 311 16.85 -0.23 -4.35
N ASN A 312 16.74 -1.21 -5.27
CA ASN A 312 16.25 -2.56 -4.91
C ASN A 312 17.35 -3.55 -4.39
C ASN A 312 17.34 -3.24 -4.04
N THR A 313 16.98 -4.57 -3.59
N THR A 313 16.92 -4.39 -3.49
CA THR A 313 18.03 -5.38 -2.95
CA THR A 313 17.75 -5.12 -2.53
C THR A 313 19.00 -5.99 -3.95
C THR A 313 19.08 -5.65 -3.15
N ASP A 314 18.63 -5.99 -5.23
N ASP A 314 19.15 -5.73 -4.47
CA ASP A 314 19.50 -6.50 -6.33
CA ASP A 314 20.40 -6.01 -5.19
C ASP A 314 20.30 -5.43 -7.04
C ASP A 314 21.19 -4.77 -5.54
N GLY A 315 20.14 -4.16 -6.63
N GLY A 315 20.82 -3.63 -4.99
CA GLY A 315 20.96 -3.10 -7.20
CA GLY A 315 21.55 -2.38 -5.24
C GLY A 315 20.35 -2.29 -8.34
C GLY A 315 21.15 -1.58 -6.46
N LYS A 316 19.22 -2.72 -8.86
N LYS A 316 20.24 -2.06 -7.27
CA LYS A 316 18.54 -1.91 -9.86
CA LYS A 316 19.98 -1.38 -8.56
C LYS A 316 18.12 -0.62 -9.20
C LYS A 316 18.94 -0.28 -8.34
N MET A 317 18.64 0.47 -9.73
N MET A 317 19.14 0.84 -9.01
CA MET A 317 18.18 1.79 -9.41
CA MET A 317 18.28 2.04 -8.99
C MET A 317 16.95 2.07 -10.22
C MET A 317 17.03 1.94 -9.91
N VAL A 318 15.92 2.60 -9.54
N VAL A 318 15.95 2.63 -9.46
CA VAL A 318 14.67 2.87 -10.21
C VAL A 318 14.19 4.27 -9.95
N ILE A 319 13.74 4.98 -10.96
CA ILE A 319 13.16 6.35 -10.84
C ILE A 319 11.71 6.25 -11.36
N VAL A 320 10.73 6.82 -10.61
CA VAL A 320 9.35 6.88 -11.05
C VAL A 320 8.87 8.33 -11.06
N ALA A 321 8.45 8.83 -12.25
CA ALA A 321 8.10 10.21 -12.49
C ALA A 321 6.67 10.38 -13.00
N VAL A 322 5.96 11.38 -12.44
CA VAL A 322 4.59 11.71 -12.85
C VAL A 322 4.66 13.07 -13.56
N ASN A 323 4.28 13.11 -14.85
CA ASN A 323 4.23 14.31 -15.69
C ASN A 323 2.80 14.71 -15.96
N THR A 324 2.30 15.78 -15.29
CA THR A 324 0.96 16.28 -15.49
C THR A 324 0.92 17.52 -16.40
N ASN A 325 2.06 17.77 -17.10
CA ASN A 325 2.06 18.67 -18.25
C ASN A 325 1.59 17.93 -19.50
N ASP A 326 0.84 18.59 -20.38
CA ASP A 326 0.53 18.04 -21.72
C ASP A 326 1.59 18.38 -22.78
N SER A 327 2.82 17.98 -22.48
CA SER A 327 3.98 18.27 -23.32
C SER A 327 5.10 17.33 -22.85
N ASP A 328 6.03 17.06 -23.75
CA ASP A 328 7.26 16.37 -23.47
C ASP A 328 8.08 17.19 -22.46
N GLN A 329 8.67 16.51 -21.50
CA GLN A 329 9.46 17.13 -20.45
C GLN A 329 10.82 16.45 -20.30
N MET A 330 11.91 17.25 -20.38
CA MET A 330 13.18 16.68 -20.31
C MET A 330 13.74 16.75 -18.89
N LEU A 331 14.42 15.67 -18.49
CA LEU A 331 15.11 15.64 -17.22
C LEU A 331 16.62 15.45 -17.46
N SER A 332 17.40 16.19 -16.71
CA SER A 332 18.86 16.06 -16.74
C SER A 332 19.30 15.41 -15.44
N LEU A 333 19.58 14.11 -15.48
CA LEU A 333 19.92 13.32 -14.28
C LEU A 333 21.41 13.53 -13.87
N ASN A 334 21.64 13.66 -12.56
CA ASN A 334 22.99 13.78 -11.99
C ASN A 334 23.04 12.92 -10.73
N ILE A 335 23.61 11.73 -10.90
CA ILE A 335 23.54 10.68 -9.90
C ILE A 335 24.88 10.51 -9.23
N SER A 336 24.83 10.56 -7.91
CA SER A 336 26.00 10.35 -7.00
C SER A 336 25.93 9.05 -6.24
N ASN A 337 27.11 8.51 -5.94
CA ASN A 337 27.27 7.32 -5.13
C ASN A 337 26.56 6.08 -5.63
N ALA A 338 26.55 5.94 -6.96
CA ALA A 338 25.97 4.76 -7.60
C ALA A 338 26.92 4.28 -8.71
N ASN A 339 26.60 3.17 -9.35
CA ASN A 339 27.36 2.71 -10.52
C ASN A 339 26.38 2.36 -11.62
N VAL A 340 25.49 3.30 -11.95
CA VAL A 340 24.48 3.10 -13.02
C VAL A 340 25.20 3.40 -14.36
N THR A 341 24.92 2.53 -15.34
CA THR A 341 25.43 2.70 -16.73
C THR A 341 24.35 3.00 -17.80
N LYS A 342 23.12 2.62 -17.50
CA LYS A 342 22.05 2.87 -18.46
C LYS A 342 20.69 2.76 -17.73
N PHE A 343 19.70 3.53 -18.21
CA PHE A 343 18.29 3.35 -17.81
C PHE A 343 17.41 2.98 -19.01
N GLU A 344 16.50 2.07 -18.77
CA GLU A 344 15.45 1.67 -19.71
C GLU A 344 14.18 2.39 -19.30
N LYS A 345 13.46 2.95 -20.24
CA LYS A 345 12.23 3.71 -20.05
C LYS A 345 11.00 2.86 -20.35
N TYR A 346 10.01 2.87 -19.39
CA TYR A 346 8.71 2.24 -19.57
C TYR A 346 7.64 3.27 -19.15
N SER A 347 6.65 3.50 -19.99
CA SER A 347 5.61 4.53 -19.73
C SER A 347 4.19 4.05 -19.82
N THR A 348 3.33 4.63 -18.97
CA THR A 348 1.91 4.56 -19.10
C THR A 348 1.37 5.95 -19.35
N SER A 349 0.42 6.06 -20.27
CA SER A 349 -0.16 7.36 -20.69
C SER A 349 -1.58 7.07 -21.23
N ALA A 350 -2.21 8.05 -21.88
CA ALA A 350 -3.52 7.77 -22.46
C ALA A 350 -3.40 6.63 -23.48
N SER A 351 -2.26 6.53 -24.15
CA SER A 351 -2.10 5.56 -25.25
C SER A 351 -1.18 4.35 -25.00
N LEU A 352 -0.38 4.41 -23.94
CA LEU A 352 0.63 3.41 -23.64
C LEU A 352 0.39 2.68 -22.30
N ASN A 353 0.69 1.38 -22.28
CA ASN A 353 0.61 0.52 -21.08
C ASN A 353 1.93 -0.11 -20.70
N VAL A 354 2.70 0.58 -19.82
CA VAL A 354 4.05 0.20 -19.44
C VAL A 354 4.93 -0.19 -20.63
N GLU A 355 4.86 0.68 -21.63
CA GLU A 355 5.53 0.37 -22.92
C GLU A 355 6.96 0.84 -22.89
N TYR A 356 7.87 -0.01 -23.38
CA TYR A 356 9.27 0.36 -23.50
C TYR A 356 9.45 1.46 -24.54
N GLY A 357 10.17 2.48 -24.14
CA GLY A 357 10.33 3.69 -24.96
C GLY A 357 11.76 4.15 -25.30
N GLY A 358 12.74 3.35 -24.94
CA GLY A 358 14.14 3.62 -25.25
C GLY A 358 15.05 3.42 -24.07
N SER A 359 16.33 3.59 -24.30
CA SER A 359 17.40 3.54 -23.29
C SER A 359 18.24 4.78 -23.34
N SER A 360 18.77 5.19 -22.18
CA SER A 360 19.64 6.35 -22.03
C SER A 360 20.87 5.96 -21.28
N GLN A 361 22.02 6.19 -21.91
CA GLN A 361 23.30 5.95 -21.25
C GLN A 361 23.56 6.96 -20.14
N VAL A 362 24.17 6.43 -19.10
CA VAL A 362 24.60 7.20 -17.97
C VAL A 362 26.12 7.23 -17.99
N ASP A 363 26.68 8.45 -18.07
CA ASP A 363 28.14 8.56 -18.19
C ASP A 363 28.88 8.38 -16.84
N SER A 364 30.21 8.47 -16.87
CA SER A 364 31.05 8.21 -15.71
C SER A 364 30.89 9.27 -14.60
N SER A 365 30.34 10.44 -14.96
CA SER A 365 30.08 11.49 -13.99
C SER A 365 28.63 11.33 -13.44
N GLY A 366 27.88 10.29 -13.85
CA GLY A 366 26.51 10.03 -13.37
C GLY A 366 25.46 10.84 -14.10
N LYS A 367 25.76 11.36 -15.29
CA LYS A 367 24.85 12.19 -16.07
C LYS A 367 24.17 11.44 -17.20
N ALA A 368 22.88 11.76 -17.36
CA ALA A 368 22.02 11.25 -18.43
C ALA A 368 20.95 12.26 -18.76
N THR A 369 20.32 12.10 -19.92
CA THR A 369 19.10 12.84 -20.32
C THR A 369 18.03 11.87 -20.64
N VAL A 370 16.85 12.09 -20.02
CA VAL A 370 15.66 11.32 -20.27
C VAL A 370 14.49 12.28 -20.55
N TRP A 371 13.46 11.74 -21.22
CA TRP A 371 12.26 12.50 -21.56
C TRP A 371 11.03 11.77 -21.07
N LEU A 372 10.09 12.59 -20.60
CA LEU A 372 8.76 12.13 -20.20
C LEU A 372 7.74 12.54 -21.21
N ASN A 373 6.93 11.56 -21.66
CA ASN A 373 5.83 11.81 -22.60
C ASN A 373 4.75 12.72 -21.94
N PRO A 374 3.95 13.41 -22.75
CA PRO A 374 2.79 14.16 -22.19
C PRO A 374 1.93 13.27 -21.29
N LEU A 375 1.47 13.83 -20.17
CA LEU A 375 0.45 13.22 -19.33
C LEU A 375 0.78 11.72 -19.10
N SER A 376 1.88 11.47 -18.44
CA SER A 376 2.41 10.12 -18.28
C SER A 376 2.91 9.80 -16.83
N VAL A 377 2.96 8.50 -16.54
CA VAL A 377 3.67 7.95 -15.37
C VAL A 377 4.74 7.06 -15.98
N THR A 378 5.98 7.39 -15.68
CA THR A 378 7.17 6.80 -16.38
C THR A 378 8.15 6.23 -15.36
N THR A 379 8.64 5.03 -15.63
CA THR A 379 9.64 4.38 -14.78
C THR A 379 10.93 4.16 -15.60
N PHE A 380 12.02 4.53 -15.02
CA PHE A 380 13.39 4.26 -15.55
C PHE A 380 14.07 3.26 -14.61
N VAL A 381 14.56 2.20 -15.23
CA VAL A 381 15.14 1.09 -14.53
C VAL A 381 16.57 0.88 -14.98
N SER A 382 17.49 0.75 -14.00
CA SER A 382 18.93 0.58 -14.33
C SER A 382 19.18 -0.86 -14.61
N LYS A 383 19.96 -1.08 -15.66
CA LYS A 383 20.20 -2.44 -16.13
C LYS A 383 21.61 -2.54 -16.70
O1 XYP B . -14.06 3.77 4.62
C1 XYP B . -14.01 2.83 3.56
C2 XYP B . -14.47 1.46 4.22
C3 XYP B . -15.02 0.48 3.20
C4 XYP B . -16.10 1.12 2.42
C5 XYP B . -15.45 2.35 1.68
O2 XYP B . -13.33 0.93 4.92
O3 XYP B . -15.52 -0.72 3.77
O4 XYP B . -16.66 0.30 1.39
O5 XYP B . -14.92 3.31 2.65
C1 XYP B . -17.98 -0.07 1.50
C2 XYP B . -18.51 -0.47 0.13
C3 XYP B . -19.90 -1.09 0.31
C4 XYP B . -19.90 -2.22 1.29
C5 XYP B . -19.28 -1.75 2.64
O2 XYP B . -18.61 0.69 -0.71
O3 XYP B . -20.49 -1.56 -0.91
O4 XYP B . -21.26 -2.61 1.58
O5 XYP B . -17.95 -1.23 2.33
C7 GCV B . -19.54 2.11 -6.26
C1 GCV B . -17.49 0.91 -1.51
C2 GCV B . -17.48 2.34 -2.06
C3 GCV B . -18.68 2.62 -3.01
C4 GCV B . -18.68 1.60 -4.07
C5 GCV B . -18.62 0.20 -3.51
C6 GCV B . -18.55 -0.81 -4.64
O2 GCV B . -17.37 3.26 -0.99
O3 GCV B . -18.47 3.91 -3.59
O4 GCV B . -19.82 1.80 -4.87
O5 GCV B . -17.48 0.02 -2.64
O6A GCV B . -17.44 -1.05 -5.15
O6B GCV B . -19.64 -1.35 -5.00
C1 XYP B . -21.43 -4.01 1.90
C2 XYP B . -22.68 -4.19 2.71
C3 XYP B . -22.96 -5.65 2.84
C4 XYP B . -23.12 -6.35 1.50
C5 XYP B . -21.82 -6.12 0.76
O2 XYP B . -22.45 -3.57 3.97
O3 XYP B . -24.21 -5.84 3.53
O4 XYP B . -23.28 -7.77 1.75
O5 XYP B . -21.56 -4.71 0.64
O1 PG4 C . -11.46 8.96 -21.52
C1 PG4 C . -10.96 7.73 -22.00
C2 PG4 C . -9.54 7.40 -21.45
O2 PG4 C . -8.63 8.46 -21.26
C3 PG4 C . -7.83 8.99 -22.41
C4 PG4 C . -8.19 10.45 -22.60
O3 PG4 C . -7.44 11.38 -21.87
C5 PG4 C . -6.10 11.60 -22.35
C6 PG4 C . -5.41 12.63 -21.48
O4 PG4 C . -6.06 12.66 -20.17
C7 PG4 C . -6.03 13.93 -19.51
C8 PG4 C . -5.15 13.97 -18.30
O5 PG4 C . -4.40 12.78 -18.08
O1 PG4 D . 7.67 10.21 -30.49
C1 PG4 D . 7.98 11.54 -30.09
C2 PG4 D . 6.70 12.15 -29.58
O2 PG4 D . 6.59 13.51 -30.02
C3 PG4 D . 7.03 14.49 -29.12
C4 PG4 D . 6.15 15.75 -29.13
O3 PG4 D . 6.41 16.69 -28.07
C5 PG4 D . 7.72 17.34 -28.39
C6 PG4 D . 8.48 18.26 -27.46
O4 PG4 D . 9.91 17.86 -27.38
C7 PG4 D . 10.77 19.00 -27.37
C8 PG4 D . 10.73 19.76 -26.03
O5 PG4 D . 9.61 20.64 -25.90
C1 PGE E . -2.13 -16.62 22.36
O1 PGE E . -1.13 -15.81 21.85
C2 PGE E . -2.85 -15.68 23.32
O2 PGE E . -4.15 -16.11 23.47
C3 PGE E . -5.12 -15.02 23.49
C4 PGE E . -6.38 -15.54 22.97
O4 PGE E . -6.78 -18.09 19.39
C6 PGE E . -7.37 -17.29 20.45
C5 PGE E . -7.30 -17.64 21.99
O3 PGE E . -6.29 -16.90 22.67
N1 IMD F . -15.12 7.60 3.60
C2 IMD F . -14.59 6.44 4.11
N3 IMD F . -14.67 6.42 5.45
C4 IMD F . -15.18 7.60 5.81
C5 IMD F . -15.51 8.34 4.69
#